data_7WPM
#
_entry.id   7WPM
#
_cell.length_a   70.016
_cell.length_b   73.627
_cell.length_c   117.549
_cell.angle_alpha   90.000
_cell.angle_beta   90.000
_cell.angle_gamma   90.000
#
_symmetry.space_group_name_H-M   'P 21 21 21'
#
loop_
_entity.id
_entity.type
_entity.pdbx_description
1 polymer 'Methionine--tRNA ligase'
2 non-polymer "ADENOSINE-5'-TRIPHOSPHATE"
3 non-polymer QUINOLIN-2-AMINE
4 non-polymer 1,2-ETHANEDIOL
5 water water
#
_entity_poly.entity_id   1
_entity_poly.type   'polypeptide(L)'
_entity_poly.pdbx_seq_one_letter_code
;MGSSHHHHHHSAKETFYITTPIYYPSGNLHIGHAYSTVAGDVIARYKRMQGYDVRYLTGTDEHGQKIQEKAQKAGKTEIE
YLDEMIAGIKQLWAKLEISNDDFIRTTEERHKHVVEQVFERLLKQGDIYLGEYEGWYSVPDETYYTESQLVDPQYENGKI
IGGKSPDSGHEVELVKEESYFFNISKYTDRLLEFYDQNPDFIQPPSRKNEMINNFIKPGLADLAVSRTSFNWGVHVPSNP
KHVVYVWIDALVNYISALGYLSDDESLFNKYWPADIHLMAKEIVRFHSIIWPILLMALDLPLPKKVFAHGWILMKDGKMS
KSKGNVVDPNILIDRYGLDATRYYLMRELPFGSDGVFTPEAFVERTNFDLANDLGNLVNRTISMVNKYFDGELPAYQGPL
HELDEEMEAMALETVKSYTESMESLQFSVALSTVWKFISRTNKYIDETTPWVLAKDDSQKDMLGNVMAHLVENIRYAAVL
LRPFLTHAPKEIFEQLNINNPQFMEFSSLEQYGVLNESIMVTGQPKPIFP
;
_entity_poly.pdbx_strand_id   A
#
# COMPACT_ATOMS: atom_id res chain seq x y z
N LYS A 13 -4.33 -4.92 -23.88
CA LYS A 13 -4.25 -4.35 -22.49
C LYS A 13 -3.57 -5.33 -21.52
N GLU A 14 -2.34 -4.99 -21.14
CA GLU A 14 -1.52 -5.80 -20.22
C GLU A 14 -2.09 -5.74 -18.79
N THR A 15 -2.31 -6.90 -18.18
CA THR A 15 -2.88 -6.97 -16.83
C THR A 15 -1.85 -6.64 -15.75
N PHE A 16 -2.30 -5.98 -14.67
CA PHE A 16 -1.49 -5.73 -13.48
C PHE A 16 -2.33 -6.02 -12.24
N TYR A 17 -1.97 -7.09 -11.53
CA TYR A 17 -2.70 -7.52 -10.32
C TYR A 17 -1.88 -7.16 -9.08
N ILE A 18 -2.50 -6.37 -8.20
CA ILE A 18 -1.88 -5.85 -6.98
C ILE A 18 -2.79 -6.21 -5.81
N THR A 19 -2.20 -6.57 -4.68
CA THR A 19 -2.97 -6.94 -3.48
C THR A 19 -2.42 -6.26 -2.24
N THR A 20 -3.31 -6.00 -1.29
CA THR A 20 -2.89 -5.67 0.07
C THR A 20 -3.06 -6.94 0.89
N PRO A 21 -2.54 -6.94 2.12
CA PRO A 21 -2.84 -8.06 3.00
C PRO A 21 -4.29 -8.00 3.47
N ILE A 22 -4.78 -9.11 3.99
CA ILE A 22 -6.09 -9.16 4.63
C ILE A 22 -5.93 -8.90 6.11
N TYR A 23 -6.61 -7.87 6.58
CA TYR A 23 -6.43 -7.36 7.94
C TYR A 23 -7.35 -8.07 8.92
N TYR A 24 -6.86 -8.23 10.14
CA TYR A 24 -7.55 -8.98 11.19
C TYR A 24 -8.38 -7.98 12.02
N PRO A 25 -9.74 -8.07 11.97
CA PRO A 25 -10.55 -7.14 12.76
C PRO A 25 -10.80 -7.60 14.20
N SER A 26 -9.71 -7.68 14.96
CA SER A 26 -9.76 -7.81 16.41
C SER A 26 -9.94 -6.44 17.08
N GLY A 27 -9.73 -5.38 16.31
CA GLY A 27 -10.01 -4.02 16.73
C GLY A 27 -9.98 -3.08 15.54
N ASN A 28 -10.16 -1.79 15.80
CA ASN A 28 -10.21 -0.79 14.74
C ASN A 28 -8.88 -0.61 14.02
N LEU A 29 -8.98 -0.41 12.70
CA LEU A 29 -7.82 -0.15 11.86
C LEU A 29 -7.28 1.24 12.11
N HIS A 30 -5.97 1.36 12.01
CA HIS A 30 -5.25 2.60 12.25
C HIS A 30 -4.45 2.98 11.00
N ILE A 31 -3.77 4.12 11.12
CA ILE A 31 -2.92 4.73 10.09
C ILE A 31 -1.93 3.78 9.36
N GLY A 32 -1.44 2.75 10.05
CA GLY A 32 -0.61 1.71 9.43
C GLY A 32 -1.31 0.84 8.40
N HIS A 33 -2.54 0.44 8.68
CA HIS A 33 -3.38 -0.31 7.73
C HIS A 33 -3.76 0.58 6.56
N ALA A 34 -4.12 1.82 6.89
CA ALA A 34 -4.35 2.87 5.89
C ALA A 34 -3.13 3.02 4.98
N TYR A 35 -1.96 3.13 5.58
CA TYR A 35 -0.69 3.32 4.86
C TYR A 35 -0.40 2.27 3.76
N SER A 36 -0.67 1.00 4.04
CA SER A 36 -0.51 -0.08 3.07
C SER A 36 -1.52 0.02 1.93
N THR A 37 -2.78 0.22 2.32
CA THR A 37 -3.89 0.33 1.38
C THR A 37 -3.78 1.57 0.48
N VAL A 38 -3.35 2.68 1.06
CA VAL A 38 -3.11 3.91 0.32
C VAL A 38 -2.03 3.70 -0.74
N ALA A 39 -0.92 3.07 -0.35
CA ALA A 39 0.18 2.75 -1.27
C ALA A 39 -0.26 1.88 -2.45
N GLY A 40 -1.11 0.89 -2.17
CA GLY A 40 -1.66 0.02 -3.20
C GLY A 40 -2.54 0.77 -4.19
N ASP A 41 -3.34 1.70 -3.69
CA ASP A 41 -4.15 2.58 -4.54
C ASP A 41 -3.28 3.47 -5.44
N VAL A 42 -2.16 3.97 -4.91
CA VAL A 42 -1.21 4.79 -5.68
C VAL A 42 -0.66 4.02 -6.88
N ILE A 43 -0.23 2.79 -6.64
CA ILE A 43 0.24 1.89 -7.70
C ILE A 43 -0.90 1.58 -8.69
N ALA A 44 -2.07 1.23 -8.15
CA ALA A 44 -3.25 0.91 -8.96
C ALA A 44 -3.63 2.07 -9.90
N ARG A 45 -3.69 3.29 -9.37
CA ARG A 45 -4.00 4.49 -10.17
C ARG A 45 -2.90 4.81 -11.19
N TYR A 46 -1.65 4.82 -10.72
CA TYR A 46 -0.46 4.97 -11.57
C TYR A 46 -0.48 4.02 -12.76
N LYS A 47 -0.71 2.75 -12.46
CA LYS A 47 -0.73 1.69 -13.47
C LYS A 47 -1.91 1.84 -14.46
N ARG A 48 -3.07 2.27 -13.96
CA ARG A 48 -4.22 2.57 -14.84
C ARG A 48 -3.91 3.74 -15.79
N MET A 49 -3.19 4.76 -15.30
CA MET A 49 -2.78 5.90 -16.12
C MET A 49 -1.73 5.56 -17.20
N GLN A 50 -1.01 4.45 -17.03
CA GLN A 50 -0.11 3.90 -18.06
C GLN A 50 -0.82 2.94 -19.02
N GLY A 51 -2.10 2.67 -18.76
CA GLY A 51 -2.95 1.88 -19.66
C GLY A 51 -2.91 0.38 -19.42
N TYR A 52 -2.76 -0.03 -18.17
CA TYR A 52 -2.88 -1.43 -17.79
C TYR A 52 -4.32 -1.73 -17.42
N ASP A 53 -4.71 -2.98 -17.59
CA ASP A 53 -5.98 -3.51 -17.12
C ASP A 53 -5.73 -3.95 -15.66
N VAL A 54 -6.11 -3.09 -14.72
CA VAL A 54 -5.70 -3.24 -13.32
C VAL A 54 -6.77 -3.93 -12.48
N ARG A 55 -6.34 -4.88 -11.64
CA ARG A 55 -7.16 -5.37 -10.54
C ARG A 55 -6.39 -5.16 -9.24
N TYR A 56 -7.03 -4.44 -8.32
CA TYR A 56 -6.46 -4.15 -7.00
C TYR A 56 -7.39 -4.73 -5.94
N LEU A 57 -6.84 -5.60 -5.09
CA LEU A 57 -7.64 -6.32 -4.09
C LEU A 57 -7.22 -5.95 -2.67
N THR A 58 -8.22 -5.86 -1.79
CA THR A 58 -8.00 -5.79 -0.35
C THR A 58 -9.02 -6.72 0.30
N GLY A 59 -8.90 -6.91 1.60
CA GLY A 59 -9.85 -7.75 2.32
C GLY A 59 -9.63 -7.86 3.80
N THR A 60 -10.34 -8.81 4.41
CA THR A 60 -10.19 -9.13 5.82
C THR A 60 -10.07 -10.63 6.07
N ASP A 61 -9.49 -10.93 7.22
CA ASP A 61 -9.24 -12.28 7.69
C ASP A 61 -10.08 -12.45 8.93
N GLU A 62 -11.07 -13.32 8.86
CA GLU A 62 -12.19 -13.30 9.80
C GLU A 62 -12.33 -14.49 10.74
N HIS A 63 -11.37 -15.42 10.69
CA HIS A 63 -11.42 -16.65 11.49
C HIS A 63 -10.42 -16.65 12.63
N GLY A 64 -10.65 -17.54 13.60
CA GLY A 64 -9.73 -17.75 14.72
C GLY A 64 -10.38 -17.63 16.06
N GLN A 65 -9.59 -17.91 17.09
CA GLN A 65 -10.07 -17.92 18.47
C GLN A 65 -10.40 -16.52 18.99
N LYS A 66 -9.67 -15.53 18.51
CA LYS A 66 -9.82 -14.17 18.96
C LYS A 66 -11.10 -13.50 18.50
N ILE A 67 -11.62 -13.92 17.34
CA ILE A 67 -12.86 -13.36 16.80
C ILE A 67 -14.07 -13.88 17.57
N GLN A 68 -13.91 -15.01 18.26
CA GLN A 68 -14.92 -15.54 19.16
C GLN A 68 -14.91 -14.70 20.42
N GLU A 69 -13.71 -14.51 20.94
CA GLU A 69 -13.47 -13.77 22.17
C GLU A 69 -13.94 -12.30 22.14
N LYS A 70 -13.74 -11.61 21.02
CA LYS A 70 -14.24 -10.24 20.85
C LYS A 70 -15.75 -10.18 20.59
N ALA A 71 -16.25 -11.14 19.81
CA ALA A 71 -17.68 -11.21 19.47
C ALA A 71 -18.54 -11.70 20.65
N GLN A 72 -18.05 -12.70 21.39
CA GLN A 72 -18.75 -13.20 22.58
C GLN A 72 -18.65 -12.25 23.79
N LYS A 73 -17.67 -11.36 23.77
CA LYS A 73 -17.55 -10.29 24.78
C LYS A 73 -18.58 -9.19 24.54
N ALA A 74 -18.71 -8.78 23.27
CA ALA A 74 -19.73 -7.80 22.85
C ALA A 74 -21.17 -8.36 22.86
N GLY A 75 -21.32 -9.68 22.93
CA GLY A 75 -22.63 -10.31 23.08
C GLY A 75 -23.36 -10.43 21.76
N LYS A 76 -22.77 -11.20 20.85
CA LYS A 76 -23.28 -11.36 19.49
C LYS A 76 -22.56 -12.51 18.78
N THR A 77 -23.16 -13.03 17.71
CA THR A 77 -22.55 -14.12 16.92
C THR A 77 -21.29 -13.60 16.23
N GLU A 78 -20.36 -14.50 15.98
CA GLU A 78 -19.07 -14.16 15.37
C GLU A 78 -19.23 -13.39 14.06
N ILE A 79 -20.20 -13.78 13.25
CA ILE A 79 -20.43 -13.13 11.95
C ILE A 79 -21.00 -11.71 12.08
N GLU A 80 -21.98 -11.51 12.97
CA GLU A 80 -22.58 -10.19 13.15
C GLU A 80 -21.69 -9.20 13.94
N TYR A 81 -20.61 -9.72 14.55
CA TYR A 81 -19.49 -8.87 15.00
C TYR A 81 -18.67 -8.43 13.79
N LEU A 82 -18.31 -9.38 12.94
CA LEU A 82 -17.52 -9.11 11.72
C LEU A 82 -18.21 -8.14 10.76
N ASP A 83 -19.49 -8.38 10.48
CA ASP A 83 -20.32 -7.51 9.63
C ASP A 83 -20.24 -6.02 9.99
N GLU A 84 -20.31 -5.74 11.30
CA GLU A 84 -20.13 -4.38 11.84
C GLU A 84 -18.73 -3.83 11.54
N MET A 85 -17.72 -4.65 11.85
CA MET A 85 -16.30 -4.27 11.68
C MET A 85 -15.91 -4.05 10.21
N ILE A 86 -16.40 -4.93 9.34
CA ILE A 86 -16.16 -4.83 7.88
C ILE A 86 -16.87 -3.61 7.29
N ALA A 87 -18.09 -3.35 7.75
CA ALA A 87 -18.84 -2.15 7.37
C ALA A 87 -18.08 -0.86 7.72
N GLY A 88 -17.43 -0.86 8.89
CA GLY A 88 -16.57 0.25 9.32
C GLY A 88 -15.29 0.38 8.50
N ILE A 89 -14.73 -0.75 8.09
CA ILE A 89 -13.52 -0.79 7.26
C ILE A 89 -13.78 -0.36 5.80
N LYS A 90 -14.82 -0.92 5.19
CA LYS A 90 -15.26 -0.50 3.84
C LYS A 90 -15.54 1.01 3.77
N GLN A 91 -16.13 1.54 4.83
CA GLN A 91 -16.35 2.99 4.99
C GLN A 91 -15.05 3.79 4.99
N LEU A 92 -14.04 3.31 5.72
CA LEU A 92 -12.72 3.95 5.76
C LEU A 92 -12.04 3.99 4.40
N TRP A 93 -12.17 2.90 3.63
CA TRP A 93 -11.58 2.85 2.27
C TRP A 93 -12.33 3.73 1.27
N ALA A 94 -13.66 3.77 1.38
CA ALA A 94 -14.47 4.70 0.60
C ALA A 94 -14.12 6.16 0.89
N LYS A 95 -13.83 6.45 2.16
CA LYS A 95 -13.47 7.81 2.60
C LYS A 95 -12.05 8.21 2.18
N LEU A 96 -11.15 7.23 2.13
CA LEU A 96 -9.80 7.40 1.55
C LEU A 96 -9.78 7.40 0.01
N GLU A 97 -10.92 7.05 -0.59
CA GLU A 97 -11.11 6.97 -2.05
C GLU A 97 -10.16 5.93 -2.66
N ILE A 98 -10.14 4.76 -2.00
CA ILE A 98 -9.37 3.62 -2.46
C ILE A 98 -10.13 3.03 -3.66
N SER A 99 -9.41 2.82 -4.76
CA SER A 99 -10.01 2.30 -6.00
C SER A 99 -9.79 0.78 -6.10
N ASN A 100 -10.08 0.08 -5.01
CA ASN A 100 -9.97 -1.39 -4.98
C ASN A 100 -11.13 -1.95 -5.79
N ASP A 101 -10.84 -2.98 -6.58
CA ASP A 101 -11.85 -3.58 -7.47
C ASP A 101 -12.70 -4.66 -6.78
N ASP A 102 -12.24 -5.15 -5.64
CA ASP A 102 -12.93 -6.21 -4.90
C ASP A 102 -12.59 -6.13 -3.40
N PHE A 103 -13.50 -6.65 -2.58
CA PHE A 103 -13.25 -6.90 -1.15
C PHE A 103 -13.47 -8.39 -0.87
N ILE A 104 -12.43 -9.05 -0.37
CA ILE A 104 -12.47 -10.49 -0.04
C ILE A 104 -12.60 -10.68 1.49
N ARG A 105 -13.51 -11.56 1.88
CA ARG A 105 -13.75 -11.90 3.27
C ARG A 105 -13.61 -13.42 3.39
N THR A 106 -12.77 -13.90 4.31
CA THR A 106 -12.57 -15.36 4.46
C THR A 106 -13.82 -16.08 4.97
N THR A 107 -14.77 -15.30 5.50
CA THR A 107 -16.05 -15.82 5.94
C THR A 107 -17.06 -16.08 4.79
N GLU A 108 -16.72 -15.72 3.55
CA GLU A 108 -17.61 -15.99 2.39
C GLU A 108 -17.17 -17.24 1.59
N GLU A 109 -18.16 -17.86 0.95
CA GLU A 109 -18.05 -19.23 0.40
C GLU A 109 -16.97 -19.40 -0.68
N ARG A 110 -16.86 -18.42 -1.59
CA ARG A 110 -15.80 -18.43 -2.62
C ARG A 110 -14.38 -18.60 -2.05
N HIS A 111 -14.17 -18.11 -0.83
CA HIS A 111 -12.93 -18.38 -0.09
C HIS A 111 -12.96 -19.75 0.60
N LYS A 112 -14.01 -19.99 1.39
CA LYS A 112 -14.12 -21.21 2.21
C LYS A 112 -13.99 -22.52 1.41
N HIS A 113 -14.57 -22.54 0.22
CA HIS A 113 -14.48 -23.69 -0.71
C HIS A 113 -13.04 -23.95 -1.14
N VAL A 114 -12.28 -22.88 -1.36
CA VAL A 114 -10.89 -22.96 -1.82
C VAL A 114 -9.95 -23.47 -0.71
N VAL A 115 -10.21 -23.06 0.54
CA VAL A 115 -9.40 -23.49 1.69
C VAL A 115 -9.61 -24.99 1.93
N GLU A 116 -10.88 -25.39 1.93
CA GLU A 116 -11.29 -26.80 1.99
C GLU A 116 -10.59 -27.70 0.95
N GLN A 117 -10.60 -27.25 -0.30
CA GLN A 117 -10.08 -28.06 -1.42
C GLN A 117 -8.55 -28.11 -1.46
N VAL A 118 -7.89 -26.97 -1.21
CA VAL A 118 -6.43 -26.91 -1.11
C VAL A 118 -5.89 -27.76 0.05
N PHE A 119 -6.59 -27.77 1.18
CA PHE A 119 -6.17 -28.56 2.35
C PHE A 119 -6.25 -30.06 2.06
N GLU A 120 -7.36 -30.49 1.45
CA GLU A 120 -7.56 -31.90 1.06
C GLU A 120 -6.59 -32.36 -0.03
N ARG A 121 -6.32 -31.50 -1.01
CA ARG A 121 -5.35 -31.79 -2.08
C ARG A 121 -3.95 -32.05 -1.52
N LEU A 122 -3.49 -31.16 -0.63
CA LEU A 122 -2.22 -31.38 0.09
C LEU A 122 -2.26 -32.57 1.08
N LEU A 123 -3.45 -32.98 1.49
CA LEU A 123 -3.66 -34.21 2.27
C LEU A 123 -3.55 -35.46 1.38
N LYS A 124 -4.24 -35.43 0.24
CA LYS A 124 -4.16 -36.45 -0.82
C LYS A 124 -2.72 -36.69 -1.30
N GLN A 125 -2.03 -35.59 -1.61
CA GLN A 125 -0.66 -35.63 -2.10
C GLN A 125 0.38 -36.11 -1.08
N GLY A 126 0.07 -35.95 0.21
CA GLY A 126 0.99 -36.30 1.29
C GLY A 126 1.96 -35.18 1.67
N ASP A 127 1.60 -33.94 1.31
CA ASP A 127 2.32 -32.75 1.76
C ASP A 127 1.98 -32.44 3.22
N ILE A 128 0.80 -32.87 3.64
CA ILE A 128 0.29 -32.63 4.99
C ILE A 128 0.10 -33.97 5.70
N TYR A 129 0.48 -34.01 6.98
CA TYR A 129 0.37 -35.22 7.80
C TYR A 129 -0.04 -34.85 9.24
N LEU A 130 -0.84 -35.71 9.86
CA LEU A 130 -1.32 -35.49 11.22
C LEU A 130 -0.19 -35.76 12.22
N GLY A 131 -0.03 -34.83 13.16
CA GLY A 131 1.00 -34.91 14.20
C GLY A 131 0.54 -34.16 15.44
N GLU A 132 1.51 -33.66 16.21
CA GLU A 132 1.24 -32.84 17.41
C GLU A 132 2.09 -31.57 17.45
N TYR A 133 1.43 -30.43 17.57
CA TYR A 133 2.09 -29.13 17.74
C TYR A 133 2.52 -28.91 19.20
N GLU A 134 3.73 -28.37 19.37
CA GLU A 134 4.29 -28.03 20.69
C GLU A 134 4.88 -26.62 20.65
N GLY A 135 4.40 -25.74 21.54
CA GLY A 135 4.88 -24.35 21.60
C GLY A 135 4.63 -23.70 22.96
N TRP A 136 5.02 -22.43 23.07
CA TRP A 136 4.98 -21.67 24.33
C TRP A 136 4.23 -20.34 24.18
N TYR A 137 3.03 -20.27 24.76
CA TYR A 137 2.14 -19.10 24.61
C TYR A 137 2.28 -18.08 25.74
N SER A 138 2.42 -16.81 25.36
CA SER A 138 2.39 -15.68 26.30
C SER A 138 1.07 -14.92 26.12
N VAL A 139 0.28 -14.87 27.19
CA VAL A 139 -1.03 -14.19 27.19
C VAL A 139 -0.92 -12.69 26.83
N PRO A 140 0.00 -11.93 27.48
CA PRO A 140 0.18 -10.52 27.12
C PRO A 140 0.51 -10.24 25.64
N ASP A 141 1.49 -10.96 25.12
CA ASP A 141 1.95 -10.75 23.73
C ASP A 141 1.00 -11.33 22.67
N GLU A 142 0.21 -12.33 23.05
CA GLU A 142 -0.63 -13.11 22.13
C GLU A 142 0.19 -13.76 21.00
N THR A 143 1.35 -14.29 21.39
CA THR A 143 2.32 -14.87 20.45
C THR A 143 2.78 -16.24 20.94
N TYR A 144 3.10 -17.12 19.98
CA TYR A 144 3.60 -18.46 20.26
C TYR A 144 5.10 -18.49 19.98
N TYR A 145 5.86 -18.93 20.98
CA TYR A 145 7.32 -18.97 20.90
C TYR A 145 7.80 -20.41 20.93
N THR A 146 8.93 -20.65 20.28
CA THR A 146 9.55 -21.97 20.24
C THR A 146 10.39 -22.17 21.50
N GLU A 147 10.82 -23.41 21.71
CA GLU A 147 11.69 -23.78 22.83
C GLU A 147 13.02 -23.00 22.79
N SER A 148 13.61 -22.89 21.60
CA SER A 148 14.95 -22.32 21.41
C SER A 148 15.01 -20.81 21.62
N GLN A 149 14.09 -20.08 20.99
CA GLN A 149 14.04 -18.61 21.08
C GLN A 149 13.48 -18.07 22.41
N LEU A 150 13.12 -18.95 23.34
CA LEU A 150 12.72 -18.55 24.71
C LEU A 150 13.92 -17.94 25.46
N VAL A 151 13.62 -16.98 26.34
CA VAL A 151 14.63 -16.30 27.16
C VAL A 151 14.40 -16.67 28.64
N ASP A 152 15.47 -16.58 29.44
CA ASP A 152 15.49 -17.06 30.84
C ASP A 152 14.83 -18.44 31.06
N PRO A 153 15.39 -19.49 30.41
CA PRO A 153 14.89 -20.86 30.50
C PRO A 153 15.11 -21.56 31.84
N GLN A 154 14.13 -22.38 32.22
CA GLN A 154 14.18 -23.19 33.44
C GLN A 154 14.16 -24.68 33.07
N TYR A 155 15.20 -25.43 33.41
CA TYR A 155 15.29 -26.85 33.09
C TYR A 155 14.94 -27.81 34.23
N GLU A 156 14.24 -28.88 33.92
CA GLU A 156 13.98 -29.90 34.92
C GLU A 156 14.23 -31.18 34.20
N ASN A 157 15.32 -31.81 34.60
CA ASN A 157 15.90 -33.02 34.05
C ASN A 157 16.51 -32.80 32.71
N GLY A 158 16.94 -31.57 32.46
CA GLY A 158 17.61 -31.21 31.24
C GLY A 158 16.81 -30.82 30.04
N LYS A 159 15.53 -30.58 30.22
CA LYS A 159 14.65 -30.17 29.16
C LYS A 159 14.02 -28.86 29.61
N ILE A 160 13.81 -27.88 28.72
CA ILE A 160 13.19 -26.63 29.15
C ILE A 160 11.75 -26.90 29.59
N ILE A 161 11.48 -26.50 30.81
CA ILE A 161 10.21 -26.74 31.50
C ILE A 161 9.35 -25.48 31.61
N GLY A 162 9.99 -24.31 31.66
CA GLY A 162 9.30 -23.01 31.66
C GLY A 162 10.23 -21.89 31.23
N GLY A 163 9.66 -20.71 30.96
CA GLY A 163 10.45 -19.57 30.50
C GLY A 163 9.79 -18.20 30.42
N LYS A 164 10.54 -17.27 29.82
CA LYS A 164 10.14 -15.87 29.61
C LYS A 164 9.95 -15.60 28.12
N SER A 165 9.14 -14.60 27.80
CA SER A 165 8.99 -14.12 26.42
C SER A 165 10.20 -13.24 26.04
N PRO A 166 10.70 -13.36 24.79
CA PRO A 166 11.72 -12.42 24.26
C PRO A 166 11.30 -10.95 24.25
N ASP A 167 10.03 -10.69 23.93
CA ASP A 167 9.55 -9.34 23.64
C ASP A 167 8.89 -8.60 24.82
N SER A 168 8.45 -9.33 25.84
CA SER A 168 7.86 -8.73 27.05
C SER A 168 8.59 -9.10 28.36
N GLY A 169 8.80 -10.39 28.56
CA GLY A 169 9.36 -10.94 29.80
C GLY A 169 8.33 -11.52 30.75
N HIS A 170 7.13 -11.82 30.26
CA HIS A 170 6.10 -12.47 31.05
C HIS A 170 6.31 -13.98 31.04
N GLU A 171 5.83 -14.65 32.08
CA GLU A 171 5.85 -16.12 32.17
C GLU A 171 5.00 -16.72 31.05
N VAL A 172 5.51 -17.81 30.46
CA VAL A 172 4.80 -18.57 29.42
C VAL A 172 4.42 -19.95 29.97
N GLU A 173 3.55 -20.65 29.25
CA GLU A 173 3.35 -22.10 29.46
C GLU A 173 3.13 -22.85 28.15
N LEU A 174 3.56 -24.11 28.15
CA LEU A 174 3.47 -24.99 26.97
C LEU A 174 2.04 -25.20 26.47
N VAL A 175 1.90 -25.36 25.16
CA VAL A 175 0.63 -25.69 24.52
C VAL A 175 0.84 -26.91 23.63
N LYS A 176 0.04 -27.94 23.85
CA LYS A 176 0.17 -29.20 23.11
C LYS A 176 -1.19 -29.72 22.66
N GLU A 177 -1.33 -29.89 21.34
CA GLU A 177 -2.55 -30.41 20.73
C GLU A 177 -2.26 -31.02 19.36
N GLU A 178 -3.22 -31.80 18.88
CA GLU A 178 -3.17 -32.41 17.56
C GLU A 178 -3.14 -31.32 16.49
N SER A 179 -2.28 -31.48 15.49
CA SER A 179 -2.14 -30.51 14.41
C SER A 179 -1.66 -31.18 13.12
N TYR A 180 -2.24 -30.74 12.01
CA TYR A 180 -1.73 -31.10 10.69
C TYR A 180 -0.51 -30.21 10.39
N PHE A 181 0.52 -30.83 9.81
CA PHE A 181 1.78 -30.16 9.48
C PHE A 181 2.02 -30.16 7.97
N PHE A 182 2.66 -29.11 7.46
CA PHE A 182 3.02 -28.99 6.04
C PHE A 182 4.54 -29.10 5.91
N ASN A 183 5.01 -30.24 5.41
CA ASN A 183 6.42 -30.49 5.17
C ASN A 183 6.92 -29.64 4.00
N ILE A 184 7.56 -28.52 4.33
CA ILE A 184 8.02 -27.52 3.34
C ILE A 184 9.52 -27.60 2.99
N SER A 185 10.30 -28.31 3.80
CA SER A 185 11.76 -28.40 3.64
C SER A 185 12.23 -29.00 2.31
N LYS A 186 11.42 -29.88 1.73
CA LYS A 186 11.73 -30.46 0.41
C LYS A 186 11.65 -29.49 -0.78
N TYR A 187 10.95 -28.37 -0.60
CA TYR A 187 10.88 -27.32 -1.63
C TYR A 187 11.96 -26.23 -1.48
N THR A 188 12.97 -26.49 -0.67
CA THR A 188 13.96 -25.48 -0.30
C THR A 188 14.85 -25.10 -1.48
N ASP A 189 15.40 -26.10 -2.17
CA ASP A 189 16.26 -25.83 -3.33
C ASP A 189 15.49 -25.30 -4.54
N ARG A 190 14.24 -25.73 -4.69
CA ARG A 190 13.32 -25.10 -5.67
C ARG A 190 13.07 -23.63 -5.36
N LEU A 191 12.90 -23.32 -4.07
CA LEU A 191 12.67 -21.95 -3.59
C LEU A 191 13.87 -21.02 -3.75
N LEU A 192 15.06 -21.52 -3.43
CA LEU A 192 16.30 -20.75 -3.58
C LEU A 192 16.62 -20.48 -5.05
N GLU A 193 16.44 -21.50 -5.87
CA GLU A 193 16.51 -21.39 -7.34
C GLU A 193 15.55 -20.34 -7.90
N PHE A 194 14.36 -20.25 -7.30
CA PHE A 194 13.38 -19.21 -7.63
C PHE A 194 13.90 -17.80 -7.30
N TYR A 195 14.53 -17.63 -6.14
CA TYR A 195 15.14 -16.34 -5.78
C TYR A 195 16.25 -15.94 -6.75
N ASP A 196 17.04 -16.93 -7.21
CA ASP A 196 18.13 -16.67 -8.15
C ASP A 196 17.63 -16.28 -9.55
N GLN A 197 16.57 -16.95 -10.02
CA GLN A 197 15.96 -16.63 -11.32
C GLN A 197 15.20 -15.30 -11.37
N ASN A 198 14.67 -14.87 -10.22
CA ASN A 198 13.86 -13.65 -10.11
C ASN A 198 14.48 -12.70 -9.08
N PRO A 199 15.61 -12.04 -9.44
CA PRO A 199 16.41 -11.29 -8.46
C PRO A 199 15.73 -10.10 -7.77
N ASP A 200 14.57 -9.67 -8.28
CA ASP A 200 13.76 -8.61 -7.63
C ASP A 200 12.50 -9.14 -6.90
N PHE A 201 12.48 -10.42 -6.52
CA PHE A 201 11.28 -11.02 -5.92
C PHE A 201 10.94 -10.39 -4.57
N ILE A 202 11.89 -10.44 -3.65
CA ILE A 202 11.71 -9.84 -2.32
C ILE A 202 12.29 -8.43 -2.36
N GLN A 203 11.44 -7.45 -2.02
CA GLN A 203 11.84 -6.06 -1.87
C GLN A 203 11.48 -5.57 -0.45
N PRO A 204 12.32 -4.75 0.18
CA PRO A 204 13.62 -4.30 -0.34
C PRO A 204 14.74 -5.32 -0.01
N PRO A 205 15.91 -5.18 -0.66
CA PRO A 205 17.09 -6.03 -0.48
C PRO A 205 17.39 -6.49 0.95
N SER A 206 17.25 -5.58 1.92
CA SER A 206 17.47 -5.90 3.35
C SER A 206 16.66 -7.11 3.81
N ARG A 207 15.38 -7.14 3.42
CA ARG A 207 14.47 -8.21 3.85
C ARG A 207 14.79 -9.58 3.20
N LYS A 208 15.38 -9.58 2.01
CA LYS A 208 15.80 -10.82 1.32
C LYS A 208 16.95 -11.53 2.04
N ASN A 209 17.90 -10.76 2.55
CA ASN A 209 19.04 -11.29 3.33
C ASN A 209 18.59 -11.99 4.61
N GLU A 210 17.78 -11.29 5.40
CA GLU A 210 17.21 -11.87 6.63
C GLU A 210 16.25 -13.05 6.39
N MET A 211 15.67 -13.17 5.19
CA MET A 211 14.92 -14.38 4.81
C MET A 211 15.83 -15.60 4.60
N ILE A 212 16.94 -15.41 3.90
CA ILE A 212 17.88 -16.50 3.61
C ILE A 212 18.69 -16.88 4.85
N ASN A 213 19.19 -15.88 5.57
CA ASN A 213 20.12 -16.09 6.69
C ASN A 213 19.46 -16.57 8.00
N ASN A 214 18.25 -16.09 8.30
CA ASN A 214 17.57 -16.40 9.57
C ASN A 214 16.49 -17.50 9.56
N PHE A 215 16.03 -17.93 8.38
CA PHE A 215 14.95 -18.94 8.27
C PHE A 215 15.32 -20.18 7.46
N ILE A 216 15.77 -19.96 6.22
CA ILE A 216 16.01 -21.03 5.26
C ILE A 216 17.28 -21.81 5.62
N LYS A 217 18.38 -21.08 5.79
CA LYS A 217 19.69 -21.65 6.12
C LYS A 217 19.70 -22.54 7.39
N PRO A 218 19.09 -22.08 8.50
CA PRO A 218 18.91 -22.95 9.67
C PRO A 218 18.15 -24.25 9.41
N GLY A 219 17.17 -24.19 8.51
CA GLY A 219 16.31 -25.33 8.16
C GLY A 219 14.87 -24.93 8.39
N LEU A 220 14.07 -25.01 7.32
CA LEU A 220 12.65 -24.66 7.40
C LEU A 220 11.90 -25.79 8.10
N ALA A 221 11.48 -25.54 9.34
CA ALA A 221 10.76 -26.53 10.12
C ALA A 221 9.36 -26.75 9.55
N ASP A 222 8.79 -27.91 9.82
CA ASP A 222 7.42 -28.22 9.40
C ASP A 222 6.44 -27.23 10.03
N LEU A 223 5.40 -26.89 9.28
CA LEU A 223 4.50 -25.78 9.61
C LEU A 223 3.15 -26.30 10.10
N ALA A 224 2.81 -26.01 11.35
CA ALA A 224 1.52 -26.39 11.93
C ALA A 224 0.37 -25.56 11.32
N VAL A 225 -0.40 -26.19 10.43
CA VAL A 225 -1.41 -25.51 9.60
C VAL A 225 -2.87 -25.70 10.06
N SER A 226 -3.08 -26.35 11.20
CA SER A 226 -4.43 -26.59 11.73
C SER A 226 -4.40 -26.71 13.25
N ARG A 227 -5.56 -26.50 13.86
CA ARG A 227 -5.72 -26.57 15.32
C ARG A 227 -7.01 -27.24 15.73
N THR A 228 -7.07 -27.62 17.01
CA THR A 228 -8.26 -28.24 17.63
C THR A 228 -8.88 -27.43 18.80
N SER A 229 -8.17 -26.40 19.29
CA SER A 229 -8.59 -25.65 20.50
C SER A 229 -9.75 -24.68 20.33
N PHE A 230 -10.10 -24.37 19.08
CA PHE A 230 -11.23 -23.49 18.78
C PHE A 230 -12.04 -24.07 17.62
N ASN A 231 -13.16 -23.41 17.29
CA ASN A 231 -14.09 -23.89 16.24
C ASN A 231 -14.41 -22.88 15.13
N TRP A 232 -14.36 -21.58 15.44
CA TRP A 232 -14.63 -20.56 14.42
C TRP A 232 -13.53 -20.54 13.34
N GLY A 233 -13.87 -21.07 12.16
CA GLY A 233 -12.92 -21.24 11.07
C GLY A 233 -13.35 -22.31 10.08
N VAL A 234 -12.60 -22.43 8.98
CA VAL A 234 -12.84 -23.46 7.97
C VAL A 234 -12.39 -24.81 8.54
N HIS A 235 -13.33 -25.75 8.65
CA HIS A 235 -13.05 -27.10 9.13
C HIS A 235 -12.50 -27.99 8.01
N VAL A 236 -11.57 -28.88 8.39
CA VAL A 236 -10.95 -29.81 7.45
C VAL A 236 -12.03 -30.83 7.05
N PRO A 237 -12.35 -30.93 5.75
CA PRO A 237 -13.45 -31.84 5.33
C PRO A 237 -13.29 -33.29 5.79
N SER A 238 -12.08 -33.84 5.62
CA SER A 238 -11.77 -35.21 6.05
C SER A 238 -11.53 -35.40 7.56
N ASN A 239 -11.44 -34.30 8.32
CA ASN A 239 -11.33 -34.34 9.79
C ASN A 239 -11.92 -33.06 10.44
N PRO A 240 -13.26 -33.03 10.64
CA PRO A 240 -13.98 -31.87 11.24
C PRO A 240 -13.50 -31.36 12.61
N LYS A 241 -12.85 -32.23 13.38
CA LYS A 241 -12.19 -31.88 14.65
C LYS A 241 -11.09 -30.83 14.44
N HIS A 242 -10.44 -30.86 13.29
CA HIS A 242 -9.44 -29.87 12.90
C HIS A 242 -10.05 -28.70 12.13
N VAL A 243 -9.56 -27.51 12.47
CA VAL A 243 -9.97 -26.26 11.84
C VAL A 243 -8.67 -25.62 11.33
N VAL A 244 -8.74 -25.05 10.12
CA VAL A 244 -7.54 -24.58 9.41
C VAL A 244 -6.97 -23.32 10.05
N TYR A 245 -5.65 -23.31 10.21
CA TYR A 245 -4.95 -22.22 10.87
C TYR A 245 -4.63 -21.07 9.90
N VAL A 246 -4.19 -19.94 10.45
CA VAL A 246 -3.96 -18.70 9.69
C VAL A 246 -3.30 -18.80 8.32
N TRP A 247 -2.21 -19.56 8.21
CA TRP A 247 -1.37 -19.49 6.98
CA TRP A 247 -1.37 -19.48 6.98
C TRP A 247 -2.09 -19.89 5.68
N ILE A 248 -2.57 -21.11 5.63
CA ILE A 248 -3.27 -21.58 4.44
C ILE A 248 -4.58 -20.83 4.23
N ASP A 249 -5.34 -20.61 5.31
CA ASP A 249 -6.61 -19.89 5.22
C ASP A 249 -6.42 -18.51 4.61
N ALA A 250 -5.58 -17.70 5.24
CA ALA A 250 -5.42 -16.29 4.85
C ALA A 250 -4.72 -16.10 3.51
N LEU A 251 -3.61 -16.80 3.29
CA LEU A 251 -2.79 -16.64 2.07
C LEU A 251 -3.56 -16.89 0.78
N VAL A 252 -4.45 -17.87 0.78
CA VAL A 252 -5.21 -18.22 -0.45
C VAL A 252 -6.28 -17.21 -0.87
N ASN A 253 -6.45 -16.11 -0.12
CA ASN A 253 -7.34 -15.00 -0.49
C ASN A 253 -6.93 -14.36 -1.82
N TYR A 254 -5.63 -14.35 -2.10
CA TYR A 254 -5.08 -13.74 -3.29
C TYR A 254 -5.56 -14.43 -4.56
N ILE A 255 -5.82 -15.73 -4.47
CA ILE A 255 -6.32 -16.53 -5.59
C ILE A 255 -7.82 -16.87 -5.50
N SER A 256 -8.36 -17.05 -4.29
CA SER A 256 -9.80 -17.33 -4.11
C SER A 256 -10.69 -16.20 -4.59
N ALA A 257 -10.24 -14.96 -4.38
CA ALA A 257 -10.95 -13.75 -4.81
C ALA A 257 -11.06 -13.62 -6.34
N LEU A 258 -10.13 -14.25 -7.06
CA LEU A 258 -10.15 -14.37 -8.52
C LEU A 258 -10.99 -15.55 -9.06
N GLY A 259 -11.73 -16.22 -8.19
CA GLY A 259 -12.59 -17.33 -8.59
C GLY A 259 -11.87 -18.64 -8.87
N TYR A 260 -10.70 -18.85 -8.26
CA TYR A 260 -9.96 -20.11 -8.36
C TYR A 260 -10.81 -21.23 -7.75
N LEU A 261 -10.87 -22.38 -8.43
CA LEU A 261 -11.70 -23.55 -8.05
C LEU A 261 -13.22 -23.30 -8.01
N SER A 262 -13.68 -22.27 -8.71
CA SER A 262 -15.11 -21.92 -8.77
C SER A 262 -15.72 -22.26 -10.14
N ASP A 263 -17.00 -21.94 -10.29
CA ASP A 263 -17.68 -21.93 -11.59
C ASP A 263 -16.98 -21.08 -12.65
N ASP A 264 -16.38 -19.98 -12.20
CA ASP A 264 -15.82 -18.98 -13.09
C ASP A 264 -14.39 -18.61 -12.65
N GLU A 265 -13.42 -19.29 -13.25
CA GLU A 265 -11.99 -19.02 -13.04
C GLU A 265 -11.43 -17.95 -14.00
N SER A 266 -12.29 -17.19 -14.67
CA SER A 266 -11.86 -16.27 -15.75
C SER A 266 -10.92 -15.17 -15.26
N LEU A 267 -11.20 -14.65 -14.06
CA LEU A 267 -10.33 -13.67 -13.39
C LEU A 267 -9.02 -14.28 -12.91
N PHE A 268 -9.06 -15.54 -12.44
CA PHE A 268 -7.84 -16.26 -12.06
C PHE A 268 -6.95 -16.55 -13.26
N ASN A 269 -7.55 -17.02 -14.36
CA ASN A 269 -6.81 -17.34 -15.59
C ASN A 269 -6.10 -16.12 -16.22
N LYS A 270 -6.65 -14.93 -16.04
CA LYS A 270 -6.10 -13.70 -16.64
C LYS A 270 -5.24 -12.82 -15.72
N TYR A 271 -5.53 -12.80 -14.42
CA TYR A 271 -4.80 -11.92 -13.47
C TYR A 271 -3.67 -12.60 -12.70
N TRP A 272 -3.85 -13.84 -12.26
CA TRP A 272 -2.77 -14.59 -11.59
C TRP A 272 -1.67 -14.93 -12.61
N PRO A 273 -0.37 -14.84 -12.28
CA PRO A 273 0.18 -14.49 -10.97
C PRO A 273 0.16 -13.01 -10.60
N ALA A 274 0.27 -12.73 -9.30
CA ALA A 274 0.21 -11.36 -8.78
C ALA A 274 1.47 -10.60 -9.16
N ASP A 275 1.30 -9.41 -9.71
CA ASP A 275 2.43 -8.54 -10.06
C ASP A 275 3.15 -8.02 -8.82
N ILE A 276 2.41 -7.71 -7.76
CA ILE A 276 3.01 -7.26 -6.51
C ILE A 276 2.10 -7.48 -5.30
N HIS A 277 2.65 -8.07 -4.24
CA HIS A 277 2.00 -8.21 -2.93
C HIS A 277 2.57 -7.19 -1.96
N LEU A 278 1.75 -6.27 -1.45
CA LEU A 278 2.18 -5.30 -0.42
C LEU A 278 2.00 -5.91 0.97
N MET A 279 2.82 -5.44 1.91
CA MET A 279 2.73 -5.82 3.34
C MET A 279 3.74 -4.99 4.14
N ALA A 280 3.68 -5.11 5.47
CA ALA A 280 4.75 -4.63 6.33
C ALA A 280 5.65 -5.80 6.70
N LYS A 281 6.87 -5.48 7.11
CA LYS A 281 7.94 -6.49 7.25
C LYS A 281 7.69 -7.67 8.19
N GLU A 282 6.78 -7.55 9.15
CA GLU A 282 6.53 -8.67 10.09
C GLU A 282 5.97 -9.93 9.42
N ILE A 283 5.35 -9.79 8.25
CA ILE A 283 4.85 -10.96 7.49
C ILE A 283 5.47 -11.13 6.10
N VAL A 284 6.75 -10.81 5.93
CA VAL A 284 7.44 -11.10 4.67
C VAL A 284 7.70 -12.58 4.53
N ARG A 285 7.97 -13.23 5.66
CA ARG A 285 8.27 -14.64 5.65
C ARG A 285 7.18 -15.48 5.03
N PHE A 286 5.94 -15.14 5.30
CA PHE A 286 4.79 -15.94 4.86
C PHE A 286 4.42 -15.70 3.43
N HIS A 287 4.94 -14.60 2.88
CA HIS A 287 4.72 -14.24 1.51
C HIS A 287 5.87 -14.59 0.60
N SER A 288 7.09 -14.62 1.16
CA SER A 288 8.26 -14.92 0.35
C SER A 288 8.75 -16.36 0.52
N ILE A 289 8.27 -17.05 1.54
CA ILE A 289 8.67 -18.44 1.77
C ILE A 289 7.49 -19.41 1.68
N ILE A 290 6.53 -19.25 2.57
CA ILE A 290 5.41 -20.18 2.69
C ILE A 290 4.44 -20.09 1.51
N TRP A 291 4.12 -18.87 1.10
CA TRP A 291 3.23 -18.64 -0.04
C TRP A 291 3.77 -19.21 -1.37
N PRO A 292 5.05 -18.95 -1.72
CA PRO A 292 5.60 -19.60 -2.92
C PRO A 292 5.67 -21.13 -2.86
N ILE A 293 6.01 -21.68 -1.69
CA ILE A 293 6.05 -23.14 -1.47
C ILE A 293 4.65 -23.77 -1.54
N LEU A 294 3.65 -23.13 -0.95
CA LEU A 294 2.26 -23.57 -1.05
C LEU A 294 1.79 -23.64 -2.51
N LEU A 295 2.17 -22.65 -3.30
CA LEU A 295 1.77 -22.57 -4.72
C LEU A 295 2.49 -23.60 -5.59
N MET A 296 3.72 -23.96 -5.21
CA MET A 296 4.46 -25.05 -5.85
C MET A 296 3.75 -26.40 -5.68
N ALA A 297 3.33 -26.69 -4.45
CA ALA A 297 2.54 -27.90 -4.15
C ALA A 297 1.15 -27.91 -4.81
N LEU A 298 0.59 -26.72 -5.05
CA LEU A 298 -0.62 -26.57 -5.87
C LEU A 298 -0.35 -26.51 -7.38
N ASP A 299 0.93 -26.42 -7.74
CA ASP A 299 1.40 -26.41 -9.12
C ASP A 299 0.79 -25.20 -9.86
N LEU A 300 0.92 -24.04 -9.22
CA LEU A 300 0.45 -22.77 -9.75
C LEU A 300 1.63 -21.81 -9.82
N PRO A 301 1.63 -20.86 -10.79
CA PRO A 301 2.73 -19.91 -10.90
C PRO A 301 2.86 -18.99 -9.68
N LEU A 302 4.09 -18.59 -9.38
CA LEU A 302 4.38 -17.83 -8.16
C LEU A 302 4.20 -16.33 -8.41
N PRO A 303 3.97 -15.54 -7.34
CA PRO A 303 3.86 -14.09 -7.50
C PRO A 303 5.18 -13.48 -7.95
N LYS A 304 5.08 -12.35 -8.65
CA LYS A 304 6.25 -11.75 -9.30
C LYS A 304 7.05 -10.84 -8.36
N LYS A 305 6.40 -10.33 -7.32
CA LYS A 305 7.04 -9.46 -6.34
C LYS A 305 6.25 -9.40 -5.04
N VAL A 306 6.98 -9.46 -3.91
CA VAL A 306 6.40 -9.23 -2.58
C VAL A 306 7.17 -8.05 -1.98
N PHE A 307 6.44 -6.99 -1.65
CA PHE A 307 7.05 -5.79 -1.09
C PHE A 307 6.65 -5.60 0.36
N ALA A 308 7.67 -5.55 1.22
CA ALA A 308 7.46 -5.20 2.62
C ALA A 308 8.00 -3.83 2.92
N HIS A 309 7.09 -2.91 3.16
CA HIS A 309 7.44 -1.57 3.63
C HIS A 309 7.70 -1.59 5.14
N GLY A 310 8.11 -0.45 5.69
CA GLY A 310 8.45 -0.33 7.11
C GLY A 310 7.25 -0.11 8.01
N TRP A 311 7.55 0.27 9.26
CA TRP A 311 6.53 0.53 10.28
C TRP A 311 6.35 2.00 10.58
N ILE A 312 5.10 2.35 10.84
CA ILE A 312 4.74 3.59 11.48
C ILE A 312 4.92 3.36 12.97
N LEU A 313 5.83 4.14 13.57
CA LEU A 313 6.18 4.01 14.98
C LEU A 313 5.48 5.06 15.81
N MET A 314 5.43 4.78 17.11
CA MET A 314 4.86 5.69 18.07
C MET A 314 5.74 5.72 19.31
N ASP A 316 7.63 4.43 22.30
CA ASP A 316 6.51 3.55 22.67
C ASP A 316 6.57 2.24 21.88
N GLY A 317 6.62 2.37 20.56
CA GLY A 317 6.73 1.22 19.67
C GLY A 317 5.96 1.43 18.39
N LYS A 318 5.96 0.40 17.55
CA LYS A 318 5.21 0.43 16.31
C LYS A 318 3.72 0.42 16.61
N MET A 319 2.96 1.01 15.70
CA MET A 319 1.53 1.14 15.82
C MET A 319 0.85 -0.21 15.79
N SER A 320 0.07 -0.49 16.83
CA SER A 320 -0.68 -1.73 16.92
C SER A 320 -2.05 -1.47 17.51
N LYS A 321 -3.04 -2.22 17.06
CA LYS A 321 -4.41 -2.12 17.59
C LYS A 321 -4.53 -2.84 18.92
N SER A 322 -3.70 -3.86 19.10
CA SER A 322 -3.65 -4.58 20.37
C SER A 322 -3.25 -3.62 21.49
N LYS A 323 -2.13 -2.93 21.29
CA LYS A 323 -1.57 -2.02 22.31
C LYS A 323 -2.15 -0.60 22.38
N GLY A 324 -3.04 -0.23 21.45
CA GLY A 324 -3.78 1.04 21.52
C GLY A 324 -3.09 2.34 21.13
N ASN A 325 -1.78 2.29 20.91
CA ASN A 325 -0.98 3.43 20.46
C ASN A 325 -1.36 3.83 19.03
N VAL A 326 -2.56 4.37 18.89
CA VAL A 326 -3.29 4.42 17.62
C VAL A 326 -3.65 5.86 17.24
N VAL A 327 -3.60 6.12 15.93
CA VAL A 327 -4.13 7.33 15.33
C VAL A 327 -5.16 6.85 14.32
N ASP A 328 -6.40 7.32 14.47
CA ASP A 328 -7.47 6.95 13.55
C ASP A 328 -7.34 7.82 12.30
N PRO A 329 -7.26 7.20 11.10
CA PRO A 329 -7.21 8.01 9.87
C PRO A 329 -8.49 8.83 9.60
N ASN A 330 -9.63 8.41 10.13
CA ASN A 330 -10.86 9.22 10.09
C ASN A 330 -10.69 10.59 10.76
N ILE A 331 -9.98 10.63 11.90
CA ILE A 331 -9.71 11.88 12.61
C ILE A 331 -8.85 12.82 11.75
N LEU A 332 -7.81 12.28 11.14
CA LEU A 332 -6.93 13.04 10.26
C LEU A 332 -7.64 13.57 9.00
N ILE A 333 -8.53 12.76 8.42
CA ILE A 333 -9.26 13.15 7.21
C ILE A 333 -10.31 14.21 7.53
N ASP A 334 -11.08 13.98 8.59
CA ASP A 334 -12.07 14.96 9.07
C ASP A 334 -11.46 16.32 9.43
N ARG A 335 -10.30 16.29 10.08
CA ARG A 335 -9.63 17.52 10.53
C ARG A 335 -8.95 18.26 9.38
N TYR A 336 -7.91 17.65 8.82
CA TYR A 336 -7.03 18.30 7.84
C TYR A 336 -7.35 18.03 6.37
N GLY A 337 -8.16 17.00 6.10
CA GLY A 337 -8.59 16.67 4.73
C GLY A 337 -8.04 15.35 4.22
N LEU A 338 -8.61 14.89 3.12
CA LEU A 338 -8.21 13.63 2.49
C LEU A 338 -6.81 13.71 1.90
N ASP A 339 -6.63 14.66 0.99
CA ASP A 339 -5.37 14.83 0.25
C ASP A 339 -4.16 15.06 1.15
N ALA A 340 -4.37 15.71 2.30
CA ALA A 340 -3.33 15.88 3.31
C ALA A 340 -2.92 14.56 3.95
N THR A 341 -3.92 13.77 4.35
CA THR A 341 -3.71 12.46 4.97
C THR A 341 -2.95 11.50 4.05
N ARG A 342 -3.44 11.36 2.82
CA ARG A 342 -2.79 10.50 1.81
C ARG A 342 -1.37 10.94 1.51
N TYR A 343 -1.18 12.25 1.34
CA TYR A 343 0.14 12.83 1.13
C TYR A 343 1.11 12.52 2.27
N TYR A 344 0.65 12.72 3.51
CA TYR A 344 1.48 12.48 4.69
C TYR A 344 2.01 11.04 4.73
N LEU A 345 1.11 10.10 4.51
CA LEU A 345 1.45 8.67 4.53
C LEU A 345 2.45 8.32 3.42
N MET A 346 2.20 8.83 2.21
CA MET A 346 3.06 8.54 1.06
C MET A 346 4.35 9.34 1.01
N ARG A 347 4.43 10.42 1.78
CA ARG A 347 5.58 11.30 1.77
C ARG A 347 6.56 11.11 2.92
N GLU A 348 6.06 11.01 4.15
CA GLU A 348 6.95 11.07 5.32
C GLU A 348 7.78 9.84 5.59
N LEU A 349 7.32 8.68 5.15
CA LEU A 349 8.04 7.44 5.38
C LEU A 349 8.48 6.85 4.06
N PRO A 350 9.81 6.78 3.84
CA PRO A 350 10.37 6.14 2.67
C PRO A 350 10.01 4.69 2.60
N PHE A 351 9.45 4.30 1.46
CA PHE A 351 8.97 2.95 1.26
C PHE A 351 10.01 1.87 1.59
N GLY A 352 9.85 1.29 2.77
CA GLY A 352 10.75 0.26 3.25
C GLY A 352 11.40 0.57 4.58
N SER A 353 11.63 1.85 4.85
CA SER A 353 12.25 2.29 6.11
C SER A 353 11.17 2.50 7.15
N ASP A 354 11.54 2.58 8.42
CA ASP A 354 10.57 2.88 9.47
C ASP A 354 10.46 4.38 9.62
N GLY A 355 9.57 4.79 10.50
CA GLY A 355 9.38 6.20 10.73
C GLY A 355 8.41 6.38 11.85
N VAL A 356 8.55 7.50 12.51
CA VAL A 356 7.79 7.79 13.72
C VAL A 356 6.81 8.91 13.40
N PHE A 357 5.57 8.74 13.86
CA PHE A 357 4.51 9.70 13.59
C PHE A 357 4.45 10.78 14.67
N THR A 358 4.36 12.04 14.25
CA THR A 358 4.12 13.17 15.17
C THR A 358 3.11 14.11 14.50
N PRO A 359 2.05 14.54 15.23
CA PRO A 359 1.08 15.48 14.62
C PRO A 359 1.69 16.83 14.17
N GLU A 360 2.82 17.21 14.78
CA GLU A 360 3.59 18.39 14.34
C GLU A 360 4.26 18.20 12.97
N ALA A 361 4.75 16.99 12.70
CA ALA A 361 5.31 16.66 11.38
C ALA A 361 4.22 16.60 10.31
N PHE A 362 3.03 16.11 10.69
CA PHE A 362 1.86 16.10 9.80
C PHE A 362 1.53 17.51 9.32
N VAL A 363 1.34 18.43 10.27
CA VAL A 363 0.92 19.80 9.97
C VAL A 363 1.93 20.58 9.12
N GLU A 364 3.23 20.34 9.34
CA GLU A 364 4.28 20.96 8.53
C GLU A 364 4.25 20.46 7.09
N ARG A 365 4.10 19.15 6.90
CA ARG A 365 3.94 18.56 5.56
C ARG A 365 2.74 19.16 4.84
N THR A 366 1.61 19.10 5.52
CA THR A 366 0.34 19.65 5.03
C THR A 366 0.49 21.12 4.60
N ASN A 367 0.99 21.94 5.52
CA ASN A 367 1.09 23.39 5.27
C ASN A 367 2.19 23.77 4.28
N PHE A 368 3.42 23.30 4.53
CA PHE A 368 4.58 23.76 3.77
C PHE A 368 4.57 23.30 2.31
N ASP A 369 4.17 22.05 2.06
CA ASP A 369 4.16 21.49 0.71
C ASP A 369 2.87 21.77 -0.05
N LEU A 370 1.74 21.29 0.47
CA LEU A 370 0.47 21.40 -0.22
C LEU A 370 -0.02 22.86 -0.26
N ALA A 371 -0.32 23.40 0.91
CA ALA A 371 -0.96 24.71 1.02
C ALA A 371 -0.06 25.87 0.57
N ASN A 372 1.18 25.88 1.05
CA ASN A 372 2.10 27.01 0.84
C ASN A 372 2.95 26.97 -0.42
N ASP A 373 3.38 25.77 -0.84
CA ASP A 373 4.23 25.65 -2.04
C ASP A 373 3.37 25.51 -3.29
N LEU A 374 2.48 24.51 -3.29
CA LEU A 374 1.61 24.22 -4.44
C LEU A 374 0.36 25.09 -4.49
N GLY A 375 -0.36 25.15 -3.37
CA GLY A 375 -1.58 25.97 -3.26
C GLY A 375 -1.37 27.43 -3.61
N ASN A 376 -0.26 27.97 -3.12
CA ASN A 376 0.13 29.36 -3.34
C ASN A 376 0.65 29.63 -4.76
N LEU A 377 1.34 28.64 -5.34
CA LEU A 377 1.82 28.71 -6.73
C LEU A 377 0.66 28.95 -7.69
N VAL A 378 -0.37 28.13 -7.56
CA VAL A 378 -1.58 28.24 -8.37
C VAL A 378 -2.28 29.59 -8.16
N ASN A 379 -2.37 30.04 -6.91
CA ASN A 379 -3.08 31.29 -6.60
C ASN A 379 -2.38 32.51 -7.19
N ARG A 380 -1.07 32.61 -7.01
CA ARG A 380 -0.27 33.66 -7.65
C ARG A 380 -0.39 33.67 -9.17
N THR A 381 -0.39 32.48 -9.77
CA THR A 381 -0.42 32.33 -11.22
C THR A 381 -1.78 32.76 -11.81
N ILE A 382 -2.87 32.27 -11.22
CA ILE A 382 -4.22 32.71 -11.61
C ILE A 382 -4.41 34.21 -11.33
N SER A 383 -3.99 34.65 -10.15
CA SER A 383 -4.07 36.06 -9.74
C SER A 383 -3.42 37.00 -10.75
N MET A 384 -2.21 36.62 -11.19
CA MET A 384 -1.47 37.40 -12.18
C MET A 384 -2.12 37.36 -13.57
N VAL A 385 -2.61 36.19 -13.97
CA VAL A 385 -3.30 36.04 -15.26
C VAL A 385 -4.60 36.87 -15.26
N ASN A 386 -5.35 36.79 -14.16
CA ASN A 386 -6.50 37.67 -13.95
C ASN A 386 -6.12 39.16 -13.93
N LYS A 387 -4.99 39.48 -13.32
CA LYS A 387 -4.49 40.87 -13.21
C LYS A 387 -4.06 41.50 -14.55
N TYR A 388 -3.13 40.84 -15.25
CA TYR A 388 -2.47 41.45 -16.43
C TYR A 388 -3.22 41.23 -17.74
N PHE A 389 -3.74 40.02 -17.95
CA PHE A 389 -4.46 39.66 -19.18
C PHE A 389 -5.98 39.46 -18.99
N ASP A 390 -6.53 40.00 -17.89
CA ASP A 390 -7.97 39.94 -17.58
C ASP A 390 -8.55 38.51 -17.37
N GLY A 391 -7.68 37.53 -17.17
CA GLY A 391 -8.07 36.10 -17.14
C GLY A 391 -7.71 35.31 -18.39
N GLU A 392 -7.41 36.03 -19.48
CA GLU A 392 -7.17 35.44 -20.80
C GLU A 392 -5.71 35.03 -20.97
N LEU A 393 -5.40 33.78 -20.64
CA LEU A 393 -4.04 33.23 -20.70
C LEU A 393 -3.55 33.16 -22.16
N PRO A 394 -2.42 33.81 -22.49
CA PRO A 394 -1.86 33.65 -23.84
C PRO A 394 -1.40 32.23 -24.16
N ALA A 395 -1.44 31.88 -25.44
CA ALA A 395 -1.01 30.56 -25.91
C ALA A 395 0.50 30.37 -25.81
N TYR A 396 0.92 29.11 -25.70
CA TYR A 396 2.34 28.74 -25.72
C TYR A 396 2.90 28.91 -27.14
N GLN A 397 4.20 29.20 -27.21
CA GLN A 397 4.93 29.28 -28.49
C GLN A 397 6.31 28.62 -28.40
N GLY A 398 7.15 29.10 -27.49
CA GLY A 398 8.49 28.53 -27.30
C GLY A 398 9.21 29.03 -26.05
N PRO A 399 10.47 28.59 -25.84
CA PRO A 399 11.28 29.01 -24.69
C PRO A 399 11.94 30.37 -24.92
N LEU A 400 11.11 31.41 -24.84
CA LEU A 400 11.56 32.78 -25.20
C LEU A 400 12.39 33.44 -24.11
N HIS A 401 12.04 33.19 -22.86
CA HIS A 401 12.83 33.66 -21.72
C HIS A 401 14.04 32.76 -21.64
N GLU A 402 15.13 33.30 -21.13
CA GLU A 402 16.37 32.54 -21.02
C GLU A 402 16.39 31.42 -19.98
N LEU A 403 15.48 31.48 -19.00
CA LEU A 403 15.38 30.44 -17.99
C LEU A 403 14.66 29.20 -18.55
N ASP A 404 13.89 29.42 -19.63
CA ASP A 404 13.03 28.42 -20.24
C ASP A 404 13.69 27.22 -20.88
N GLU A 405 14.91 27.36 -21.36
CA GLU A 405 15.58 26.21 -21.95
C GLU A 405 15.79 25.15 -20.88
N GLU A 406 16.46 25.54 -19.79
CA GLU A 406 16.69 24.64 -18.67
C GLU A 406 15.39 24.20 -17.98
N MET A 407 14.40 25.09 -17.88
CA MET A 407 13.16 24.79 -17.18
C MET A 407 12.22 23.87 -17.95
N GLU A 408 12.10 24.08 -19.27
CA GLU A 408 11.33 23.18 -20.14
C GLU A 408 11.93 21.77 -20.16
N ALA A 409 13.26 21.71 -20.15
CA ALA A 409 14.00 20.45 -20.02
C ALA A 409 13.80 19.81 -18.65
N MET A 410 13.84 20.63 -17.59
CA MET A 410 13.61 20.17 -16.22
C MET A 410 12.25 19.48 -16.04
N ALA A 411 11.24 19.97 -16.74
CA ALA A 411 9.90 19.36 -16.75
C ALA A 411 9.96 17.91 -17.22
N LEU A 412 10.58 17.71 -18.38
CA LEU A 412 10.76 16.38 -18.97
C LEU A 412 11.59 15.45 -18.08
N GLU A 413 12.69 15.97 -17.56
CA GLU A 413 13.56 15.20 -16.65
C GLU A 413 12.89 14.89 -15.31
N THR A 414 12.00 15.77 -14.86
CA THR A 414 11.17 15.52 -13.67
C THR A 414 10.24 14.32 -13.88
N VAL A 415 9.75 14.13 -15.12
CA VAL A 415 8.91 12.97 -15.45
C VAL A 415 9.75 11.67 -15.56
N LYS A 416 10.95 11.76 -16.14
CA LYS A 416 11.86 10.61 -16.21
C LYS A 416 12.22 10.11 -14.81
N SER A 417 12.62 11.04 -13.96
CA SER A 417 12.93 10.76 -12.56
C SER A 417 11.71 10.34 -11.73
N TYR A 418 10.54 10.87 -12.07
CA TYR A 418 9.27 10.44 -11.47
C TYR A 418 9.03 8.96 -11.75
N THR A 419 9.07 8.60 -13.03
CA THR A 419 8.83 7.22 -13.49
C THR A 419 9.67 6.19 -12.74
N GLU A 420 10.98 6.37 -12.69
CA GLU A 420 11.88 5.38 -12.08
C GLU A 420 11.71 5.26 -10.56
N SER A 421 11.41 6.38 -9.90
CA SER A 421 11.03 6.37 -8.47
C SER A 421 9.71 5.63 -8.25
N MET A 422 8.79 5.76 -9.21
CA MET A 422 7.49 5.07 -9.16
C MET A 422 7.61 3.57 -9.49
N GLU A 423 8.34 3.24 -10.56
CA GLU A 423 8.60 1.83 -10.93
C GLU A 423 9.25 1.07 -9.78
N SER A 424 10.31 1.66 -9.21
CA SER A 424 11.04 1.08 -8.07
C SER A 424 10.38 1.24 -6.67
N LEU A 425 9.21 1.88 -6.62
CA LEU A 425 8.33 1.94 -5.42
C LEU A 425 8.73 2.97 -4.34
N GLN A 426 9.57 3.92 -4.69
CA GLN A 426 9.98 4.98 -3.75
C GLN A 426 9.14 6.21 -3.99
N PHE A 427 7.93 6.21 -3.44
CA PHE A 427 6.97 7.28 -3.71
C PHE A 427 7.27 8.56 -2.98
N SER A 428 8.00 8.46 -1.88
CA SER A 428 8.47 9.61 -1.14
C SER A 428 9.45 10.40 -2.01
N VAL A 429 10.35 9.67 -2.67
CA VAL A 429 11.32 10.26 -3.61
C VAL A 429 10.66 10.73 -4.91
N ALA A 430 9.63 10.00 -5.36
CA ALA A 430 8.82 10.43 -6.52
C ALA A 430 8.11 11.74 -6.22
N LEU A 431 7.53 11.83 -5.02
CA LEU A 431 6.86 13.04 -4.55
C LEU A 431 7.80 14.22 -4.35
N SER A 432 9.00 13.98 -3.80
CA SER A 432 9.96 15.06 -3.57
C SER A 432 10.53 15.64 -4.87
N THR A 433 10.71 14.76 -5.86
CA THR A 433 11.12 15.17 -7.22
C THR A 433 10.06 16.04 -7.89
N VAL A 434 8.79 15.68 -7.71
CA VAL A 434 7.67 16.50 -8.19
C VAL A 434 7.67 17.88 -7.51
N TRP A 435 7.90 17.89 -6.19
CA TRP A 435 7.90 19.15 -5.41
C TRP A 435 9.08 20.07 -5.66
N LYS A 436 10.23 19.50 -6.02
CA LYS A 436 11.38 20.28 -6.53
C LYS A 436 10.98 21.14 -7.73
N PHE A 437 10.15 20.57 -8.61
CA PHE A 437 9.65 21.26 -9.78
C PHE A 437 8.65 22.37 -9.42
N ILE A 438 7.81 22.11 -8.42
CA ILE A 438 6.85 23.09 -7.89
C ILE A 438 7.60 24.29 -7.28
N SER A 439 8.56 24.00 -6.41
CA SER A 439 9.41 25.03 -5.77
C SER A 439 10.16 25.92 -6.77
N ARG A 440 10.66 25.30 -7.84
CA ARG A 440 11.31 26.03 -8.94
C ARG A 440 10.32 26.90 -9.71
N THR A 441 9.10 26.39 -9.93
CA THR A 441 8.01 27.16 -10.55
C THR A 441 7.69 28.45 -9.79
N ASN A 442 7.74 28.38 -8.46
CA ASN A 442 7.61 29.57 -7.60
C ASN A 442 8.78 30.54 -7.77
N LYS A 443 9.99 29.98 -7.85
CA LYS A 443 11.22 30.75 -8.05
C LYS A 443 11.23 31.50 -9.38
N TYR A 444 10.70 30.86 -10.42
CA TYR A 444 10.52 31.46 -11.76
C TYR A 444 9.73 32.77 -11.72
N ILE A 445 8.77 32.88 -10.81
CA ILE A 445 8.01 34.13 -10.60
C ILE A 445 8.93 35.20 -9.98
N ASP A 446 9.71 34.81 -8.99
CA ASP A 446 10.69 35.70 -8.36
C ASP A 446 11.80 36.13 -9.33
N GLU A 447 12.19 35.23 -10.23
CA GLU A 447 13.26 35.48 -11.20
C GLU A 447 12.82 36.34 -12.38
N THR A 448 11.66 36.03 -12.96
CA THR A 448 11.14 36.76 -14.12
C THR A 448 10.56 38.14 -13.77
N THR A 449 10.09 38.29 -12.53
CA THR A 449 9.36 39.50 -12.06
C THR A 449 8.32 40.00 -13.07
N PRO A 450 7.19 39.28 -13.20
CA PRO A 450 6.12 39.65 -14.14
C PRO A 450 5.42 40.99 -13.89
N TRP A 451 5.45 41.47 -12.65
CA TRP A 451 4.92 42.80 -12.29
C TRP A 451 5.69 43.95 -12.96
N VAL A 452 6.99 43.74 -13.19
CA VAL A 452 7.84 44.70 -13.90
C VAL A 452 7.53 44.68 -15.40
N LEU A 453 7.28 43.48 -15.93
CA LEU A 453 6.92 43.29 -17.33
C LEU A 453 5.54 43.86 -17.68
N ALA A 454 4.66 43.97 -16.68
CA ALA A 454 3.32 44.53 -16.85
C ALA A 454 3.32 46.01 -17.24
N LYS A 455 4.24 46.77 -16.66
CA LYS A 455 4.31 48.23 -16.88
C LYS A 455 4.59 48.63 -18.33
N ASP A 456 5.53 47.94 -18.96
CA ASP A 456 5.79 48.14 -20.39
C ASP A 456 4.76 47.39 -21.23
N ASP A 457 4.06 48.13 -22.09
CA ASP A 457 3.22 47.51 -23.13
C ASP A 457 4.08 46.90 -24.26
N SER A 458 5.35 47.31 -24.33
CA SER A 458 6.35 46.65 -25.18
C SER A 458 6.54 45.16 -24.82
N GLN A 459 6.61 44.87 -23.52
CA GLN A 459 6.77 43.49 -23.01
C GLN A 459 5.41 42.79 -22.88
N LYS A 460 4.99 42.10 -23.94
CA LYS A 460 3.66 41.45 -23.99
C LYS A 460 3.71 39.95 -24.36
N ASP A 461 4.57 39.60 -25.32
CA ASP A 461 4.86 38.19 -25.64
C ASP A 461 5.59 37.52 -24.47
N MET A 462 6.60 38.23 -23.95
CA MET A 462 7.42 37.75 -22.84
C MET A 462 6.62 37.57 -21.55
N LEU A 463 5.76 38.53 -21.25
CA LEU A 463 4.86 38.43 -20.09
C LEU A 463 3.84 37.29 -20.27
N GLY A 464 3.36 37.11 -21.50
CA GLY A 464 2.52 35.96 -21.85
C GLY A 464 3.23 34.63 -21.79
N ASN A 465 4.49 34.61 -22.21
CA ASN A 465 5.35 33.42 -22.15
C ASN A 465 5.54 32.92 -20.72
N VAL A 466 5.74 33.85 -19.80
CA VAL A 466 5.95 33.55 -18.37
C VAL A 466 4.73 32.86 -17.75
N MET A 467 3.55 33.35 -18.09
CA MET A 467 2.28 32.77 -17.62
C MET A 467 2.04 31.41 -18.25
N ALA A 468 2.31 31.30 -19.54
CA ALA A 468 2.22 30.03 -20.27
C ALA A 468 3.13 28.95 -19.68
N HIS A 469 4.32 29.37 -19.24
CA HIS A 469 5.29 28.48 -18.58
C HIS A 469 4.87 28.08 -17.16
N LEU A 470 4.32 29.04 -16.41
CA LEU A 470 3.74 28.77 -15.08
C LEU A 470 2.60 27.77 -15.13
N VAL A 471 1.66 28.00 -16.04
CA VAL A 471 0.48 27.15 -16.21
C VAL A 471 0.89 25.73 -16.64
N GLU A 472 1.84 25.65 -17.57
CA GLU A 472 2.33 24.35 -18.06
C GLU A 472 3.09 23.61 -16.97
N ASN A 473 3.99 24.30 -16.27
CA ASN A 473 4.65 23.75 -15.09
C ASN A 473 3.67 23.14 -14.07
N ILE A 474 2.54 23.80 -13.86
CA ILE A 474 1.49 23.31 -12.96
C ILE A 474 0.79 22.09 -13.55
N ARG A 475 0.38 22.20 -14.82
CA ARG A 475 -0.17 21.07 -15.57
C ARG A 475 0.61 19.79 -15.29
N TYR A 476 1.91 19.84 -15.57
CA TYR A 476 2.83 18.72 -15.35
C TYR A 476 2.73 18.16 -13.95
N ALA A 477 2.83 19.03 -12.95
CA ALA A 477 2.74 18.63 -11.53
C ALA A 477 1.42 17.94 -11.21
N ALA A 478 0.31 18.59 -11.58
CA ALA A 478 -1.04 18.04 -11.39
C ALA A 478 -1.24 16.67 -12.03
N VAL A 479 -0.85 16.56 -13.30
CA VAL A 479 -0.90 15.30 -14.06
C VAL A 479 -0.20 14.18 -13.28
N LEU A 480 1.05 14.44 -12.91
CA LEU A 480 1.87 13.50 -12.14
C LEU A 480 1.36 13.18 -10.73
N LEU A 481 0.50 14.04 -10.18
CA LEU A 481 -0.07 13.87 -8.83
C LEU A 481 -1.44 13.21 -8.76
N ARG A 482 -2.00 12.79 -9.90
CA ARG A 482 -3.29 12.09 -9.92
C ARG A 482 -3.30 10.75 -9.16
N PRO A 483 -2.18 9.98 -9.21
CA PRO A 483 -2.11 8.77 -8.39
C PRO A 483 -2.16 9.02 -6.88
N PHE A 484 -1.60 10.15 -6.45
CA PHE A 484 -1.44 10.47 -5.03
C PHE A 484 -2.63 11.21 -4.44
N LEU A 485 -3.00 12.31 -5.08
CA LEU A 485 -4.02 13.23 -4.60
C LEU A 485 -5.23 13.12 -5.52
N THR A 486 -6.41 12.94 -4.93
CA THR A 486 -7.63 12.63 -5.68
C THR A 486 -8.53 13.85 -5.96
N HIS A 487 -8.46 14.88 -5.12
CA HIS A 487 -9.18 16.15 -5.34
C HIS A 487 -8.30 17.24 -5.92
N ALA A 488 -7.11 17.39 -5.36
CA ALA A 488 -6.19 18.50 -5.68
C ALA A 488 -5.90 18.70 -7.17
N PRO A 489 -5.51 17.62 -7.91
CA PRO A 489 -5.35 17.77 -9.35
C PRO A 489 -6.61 18.28 -10.03
N LYS A 490 -7.75 17.63 -9.75
CA LYS A 490 -9.02 17.98 -10.36
C LYS A 490 -9.38 19.45 -10.13
N GLU A 491 -9.25 19.90 -8.89
CA GLU A 491 -9.52 21.29 -8.50
C GLU A 491 -8.64 22.30 -9.26
N ILE A 492 -7.37 21.96 -9.45
CA ILE A 492 -6.41 22.79 -10.19
C ILE A 492 -6.80 22.90 -11.68
N PHE A 493 -7.15 21.77 -12.29
CA PHE A 493 -7.65 21.72 -13.67
C PHE A 493 -8.95 22.52 -13.85
N GLU A 494 -9.79 22.47 -12.83
CA GLU A 494 -11.07 23.20 -12.79
C GLU A 494 -10.83 24.72 -12.76
N GLN A 495 -9.84 25.15 -11.97
CA GLN A 495 -9.53 26.58 -11.81
C GLN A 495 -8.73 27.16 -12.97
N LEU A 496 -7.78 26.38 -13.50
CA LEU A 496 -7.08 26.73 -14.75
C LEU A 496 -8.02 26.69 -15.96
N ASN A 497 -9.06 25.87 -15.87
CA ASN A 497 -10.04 25.67 -16.94
C ASN A 497 -9.41 24.93 -18.14
N ILE A 498 -8.60 23.91 -17.83
CA ILE A 498 -8.23 22.88 -18.81
C ILE A 498 -9.38 21.88 -18.81
N ASN A 499 -9.85 21.51 -20.00
CA ASN A 499 -11.09 20.73 -20.14
C ASN A 499 -10.96 19.33 -20.78
N ASN A 500 -10.25 19.21 -21.89
CA ASN A 500 -10.12 17.88 -22.55
C ASN A 500 -9.33 16.92 -21.65
N PRO A 501 -9.86 15.71 -21.40
CA PRO A 501 -9.16 14.72 -20.56
C PRO A 501 -7.73 14.38 -21.00
N GLN A 502 -7.44 14.48 -22.29
CA GLN A 502 -6.12 14.18 -22.86
C GLN A 502 -4.96 14.89 -22.14
N PHE A 503 -5.15 16.16 -21.81
CA PHE A 503 -4.10 16.94 -21.13
C PHE A 503 -3.94 16.63 -19.63
N MET A 504 -4.82 15.78 -19.08
CA MET A 504 -4.67 15.23 -17.73
C MET A 504 -3.93 13.87 -17.68
N GLU A 505 -3.59 13.30 -18.85
CA GLU A 505 -2.93 11.98 -18.92
C GLU A 505 -1.41 12.10 -19.03
N PHE A 506 -0.72 10.98 -18.80
CA PHE A 506 0.76 10.93 -18.88
C PHE A 506 1.28 11.22 -20.29
N SER A 507 0.54 10.76 -21.32
CA SER A 507 0.93 10.92 -22.72
C SER A 507 1.18 12.38 -23.13
N SER A 508 0.34 13.27 -22.62
CA SER A 508 0.44 14.70 -22.92
C SER A 508 1.65 15.42 -22.29
N LEU A 509 2.44 14.71 -21.46
CA LEU A 509 3.71 15.22 -20.91
C LEU A 509 4.96 14.92 -21.76
N GLU A 510 4.80 14.30 -22.93
CA GLU A 510 5.94 13.96 -23.80
C GLU A 510 6.58 15.16 -24.50
N GLN A 511 5.77 16.14 -24.88
CA GLN A 511 6.24 17.39 -25.48
C GLN A 511 5.68 18.58 -24.69
N TYR A 512 6.56 19.50 -24.31
CA TYR A 512 6.22 20.63 -23.45
C TYR A 512 5.37 21.68 -24.19
N GLY A 513 4.31 22.14 -23.52
CA GLY A 513 3.51 23.27 -23.99
C GLY A 513 2.36 22.88 -24.90
N VAL A 514 1.47 22.04 -24.41
CA VAL A 514 0.29 21.60 -25.17
C VAL A 514 -0.79 22.68 -25.31
N LEU A 515 -0.77 23.70 -24.48
CA LEU A 515 -1.83 24.69 -24.60
C LEU A 515 -1.56 25.84 -25.53
N ASN A 516 -1.75 25.68 -26.81
CA ASN A 516 -1.50 26.81 -27.69
C ASN A 516 -2.73 27.54 -28.08
N GLU A 517 -3.80 27.26 -27.39
CA GLU A 517 -5.02 27.97 -27.59
C GLU A 517 -5.23 28.75 -26.29
N SER A 518 -5.72 29.97 -26.36
CA SER A 518 -5.91 30.70 -25.12
C SER A 518 -7.07 30.17 -24.37
N ILE A 519 -7.01 30.21 -23.04
CA ILE A 519 -8.10 29.74 -22.22
C ILE A 519 -8.44 30.74 -21.12
N MET A 520 -9.71 30.87 -20.74
CA MET A 520 -10.15 31.77 -19.67
C MET A 520 -10.12 31.03 -18.32
N VAL A 521 -9.18 31.41 -17.46
CA VAL A 521 -9.09 30.82 -16.12
C VAL A 521 -10.17 31.42 -15.22
N THR A 522 -10.36 30.79 -14.06
CA THR A 522 -11.35 31.23 -13.08
C THR A 522 -11.13 32.69 -12.65
N GLY A 523 -12.22 33.46 -12.62
CA GLY A 523 -12.21 34.80 -12.04
C GLY A 523 -12.21 34.78 -10.51
N GLN A 524 -12.67 33.66 -9.95
CA GLN A 524 -12.76 33.48 -8.49
C GLN A 524 -11.86 32.30 -8.06
N PRO A 525 -10.53 32.52 -8.03
CA PRO A 525 -9.66 31.49 -7.45
C PRO A 525 -9.80 31.44 -5.94
N LYS A 526 -9.85 30.23 -5.40
CA LYS A 526 -9.90 30.01 -3.96
C LYS A 526 -8.90 28.92 -3.59
N PRO A 527 -8.56 28.79 -2.28
CA PRO A 527 -7.55 27.80 -1.87
C PRO A 527 -7.81 26.39 -2.38
N ILE A 528 -6.74 25.74 -2.82
CA ILE A 528 -6.80 24.39 -3.39
C ILE A 528 -7.06 23.37 -2.28
N PHE A 529 -6.42 23.61 -1.13
CA PHE A 529 -6.53 22.76 0.06
C PHE A 529 -7.27 23.56 1.14
N PRO A 530 -7.90 22.90 2.12
CA PRO A 530 -7.86 21.45 2.34
C PRO A 530 -8.86 20.68 1.50
#